data_3NYQ
#
_entry.id   3NYQ
#
_cell.length_a   73.376
_cell.length_b   86.786
_cell.length_c   153.391
_cell.angle_alpha   90.00
_cell.angle_beta   90.00
_cell.angle_gamma   90.00
#
_symmetry.space_group_name_H-M   'C 2 2 21'
#
loop_
_entity.id
_entity.type
_entity.pdbx_description
1 polymer 'Malonyl-CoA Ligase'
2 non-polymer 'METHYLMALONYL-COENZYME A'
3 non-polymer 'ADENOSINE MONOPHOSPHATE'
4 non-polymer 'CHLORIDE ION'
5 non-polymer 'MAGNESIUM ION'
6 water water
#
_entity_poly.entity_id   1
_entity_poly.type   'polypeptide(L)'
_entity_poly.pdbx_seq_one_letter_code
;MGSSHHHHHHSSGLVPRGSHMSSLFPALSPAPTGAPADRPALRFGERSLTYAELAAAAGATAGRIGGAGRVAVWATPAME
TGVAVVAALLAGVAAVPLNPKSGDKELAHILSDSAPSLVLAPPDAELPPALGALERVDVDVRARGAVPEDGADDGDPALV
VYTSGTTGPPKGAVIPRRALATTLDALADAWQWTGEDVLVQGLPLFHVHGLVLGILGPLRRGGSVRHLGRFSTEGAAREL
NDGATMLFGVPTMYHRIAETLPADPELAKALAGARLLVSGSAALPVHDHERIAAATGRRVIERYGMTETLMNTSVRADGE
PRAGTVGVPLPGVELRLVEEDGTPIAALDGESVGEIQVRGPNLFTEYLNRPDATAAAFTEDGFFRTGDMAVRDPDGYVRI
VGRKATDLIKSGGYKIGAGEIENALLEHPEVREAAVTGEPDPDLGERIVAWIVPADPAAPPALGTLADHVAARLAPHKRP
RVVRYLDAVPRNDMGKIMKRALNRD
;
_entity_poly.pdbx_strand_id   A
#
loop_
_chem_comp.id
_chem_comp.type
_chem_comp.name
_chem_comp.formula
AMP non-polymer 'ADENOSINE MONOPHOSPHATE' 'C10 H14 N5 O7 P'
CL non-polymer 'CHLORIDE ION' 'Cl -1'
MCA non-polymer 'METHYLMALONYL-COENZYME A' 'C25 H40 N7 O19 P3 S'
MG non-polymer 'MAGNESIUM ION' 'Mg 2'
#
# COMPACT_ATOMS: atom_id res chain seq x y z
N LEU A 24 -17.08 12.01 -3.56
CA LEU A 24 -16.07 10.99 -3.08
C LEU A 24 -16.18 10.73 -1.58
N PHE A 25 -16.32 11.79 -0.79
CA PHE A 25 -16.56 11.65 0.64
C PHE A 25 -17.80 12.44 1.05
N PRO A 26 -18.99 11.84 0.87
CA PRO A 26 -20.17 12.67 1.15
C PRO A 26 -20.31 13.01 2.62
N ALA A 27 -19.63 12.32 3.54
CA ALA A 27 -19.64 12.65 4.95
C ALA A 27 -18.71 13.82 5.31
N LEU A 28 -17.91 14.28 4.35
CA LEU A 28 -17.00 15.43 4.54
C LEU A 28 -17.37 16.63 3.70
N SER A 29 -18.01 16.40 2.54
CA SER A 29 -18.26 17.47 1.60
C SER A 29 -19.69 17.27 1.08
N PRO A 30 -20.58 18.25 1.31
CA PRO A 30 -20.31 19.48 2.02
C PRO A 30 -20.02 19.24 3.51
N ALA A 31 -19.55 20.27 4.19
CA ALA A 31 -19.23 20.13 5.60
C ALA A 31 -20.42 19.54 6.36
N PRO A 32 -20.17 18.54 7.20
CA PRO A 32 -21.25 17.88 7.90
C PRO A 32 -21.84 18.73 9.03
N THR A 33 -23.03 18.35 9.48
CA THR A 33 -23.65 19.03 10.63
C THR A 33 -24.34 18.03 11.56
N GLY A 34 -24.55 18.43 12.81
CA GLY A 34 -25.28 17.61 13.76
C GLY A 34 -24.48 16.39 14.14
N ALA A 35 -25.19 15.30 14.44
CA ALA A 35 -24.58 14.07 14.94
C ALA A 35 -23.54 13.43 14.03
N PRO A 36 -23.81 13.35 12.73
CA PRO A 36 -22.78 12.81 11.81
C PRO A 36 -21.48 13.62 11.93
N ALA A 37 -21.58 14.90 12.23
CA ALA A 37 -20.39 15.74 12.22
C ALA A 37 -19.48 15.39 13.40
N ASP A 38 -20.04 14.93 14.51
CA ASP A 38 -19.21 14.69 15.69
C ASP A 38 -18.79 13.21 15.77
N ARG A 39 -19.03 12.42 14.77
CA ARG A 39 -18.51 11.06 14.77
C ARG A 39 -16.97 11.10 14.58
N PRO A 40 -16.28 10.16 15.19
CA PRO A 40 -14.82 10.10 14.96
C PRO A 40 -14.46 9.74 13.53
N ALA A 41 -13.41 10.38 13.03
CA ALA A 41 -12.93 10.08 11.68
C ALA A 41 -11.52 9.48 11.74
N LEU A 42 -10.56 10.24 12.22
CA LEU A 42 -9.17 9.76 12.32
C LEU A 42 -8.72 9.77 13.76
N ARG A 43 -7.98 8.77 14.20
CA ARG A 43 -7.39 8.73 15.52
C ARG A 43 -5.97 8.23 15.39
N PHE A 44 -5.04 8.98 15.94
CA PHE A 44 -3.62 8.62 15.98
C PHE A 44 -3.17 8.73 17.42
N GLY A 45 -3.27 7.67 18.19
CA GLY A 45 -3.02 7.74 19.64
C GLY A 45 -4.06 8.65 20.27
N GLU A 46 -3.58 9.61 21.06
CA GLU A 46 -4.47 10.57 21.75
C GLU A 46 -4.84 11.74 20.91
N ARG A 47 -4.39 11.79 19.65
CA ARG A 47 -4.79 12.82 18.70
C ARG A 47 -5.95 12.34 17.85
N SER A 48 -6.93 13.18 17.56
CA SER A 48 -8.06 12.78 16.72
C SER A 48 -8.73 13.95 16.04
N LEU A 49 -9.53 13.59 15.06
CA LEU A 49 -10.41 14.52 14.35
C LEU A 49 -11.73 13.84 14.15
N THR A 50 -12.82 14.56 14.47
CA THR A 50 -14.17 14.14 14.06
C THR A 50 -14.34 14.45 12.56
N TYR A 51 -15.44 13.98 11.98
CA TYR A 51 -15.75 14.36 10.60
C TYR A 51 -15.80 15.88 10.39
N ALA A 52 -16.46 16.60 11.30
CA ALA A 52 -16.45 18.06 11.14
C ALA A 52 -15.08 18.70 11.23
N GLU A 53 -14.27 18.21 12.17
CA GLU A 53 -12.93 18.76 12.34
C GLU A 53 -12.04 18.46 11.15
N LEU A 54 -12.13 17.23 10.63
CA LEU A 54 -11.36 16.85 9.45
C LEU A 54 -11.78 17.65 8.23
N ALA A 55 -13.10 17.76 8.04
CA ALA A 55 -13.59 18.57 6.91
C ALA A 55 -13.10 20.02 6.97
N ALA A 56 -13.11 20.58 8.18
CA ALA A 56 -12.66 21.96 8.35
C ALA A 56 -11.14 22.13 8.22
N ALA A 57 -10.35 21.17 8.72
CA ALA A 57 -8.89 21.27 8.63
C ALA A 57 -8.43 20.97 7.20
N ALA A 58 -9.05 19.96 6.58
CA ALA A 58 -8.74 19.67 5.17
C ALA A 58 -9.24 20.77 4.26
N GLY A 59 -10.38 21.36 4.60
CA GLY A 59 -10.88 22.49 3.81
C GLY A 59 -9.95 23.69 3.86
N ALA A 60 -9.42 24.03 5.04
CA ALA A 60 -8.45 25.13 5.17
C ALA A 60 -7.21 24.84 4.33
N THR A 61 -6.78 23.58 4.33
CA THR A 61 -5.60 23.20 3.56
C THR A 61 -5.89 23.24 2.06
N ALA A 62 -7.09 22.81 1.67
CA ALA A 62 -7.52 22.77 0.27
C ALA A 62 -7.53 24.17 -0.34
N GLY A 63 -7.80 25.17 0.50
CA GLY A 63 -7.85 26.56 0.01
C GLY A 63 -6.46 27.12 -0.22
N ARG A 64 -5.47 26.44 0.33
CA ARG A 64 -4.08 26.87 0.25
C ARG A 64 -3.36 26.19 -0.93
N ILE A 65 -4.08 25.35 -1.66
CA ILE A 65 -3.52 24.60 -2.80
C ILE A 65 -4.33 24.69 -4.09
N GLY A 66 -5.20 25.70 -4.21
CA GLY A 66 -5.77 26.01 -5.51
C GLY A 66 -4.71 26.60 -6.45
N ARG A 70 -0.33 19.28 -9.34
CA ARG A 70 -0.03 18.22 -8.35
C ARG A 70 0.64 18.74 -7.11
N VAL A 71 0.35 18.09 -5.99
CA VAL A 71 0.95 18.41 -4.72
C VAL A 71 1.59 17.17 -4.12
N ALA A 72 2.80 17.33 -3.64
CA ALA A 72 3.44 16.24 -2.88
C ALA A 72 2.92 16.25 -1.46
N VAL A 73 2.91 15.08 -0.83
CA VAL A 73 2.58 14.96 0.60
C VAL A 73 3.71 14.22 1.28
N TRP A 74 4.27 14.81 2.32
CA TRP A 74 5.28 14.17 3.15
C TRP A 74 4.57 13.17 4.05
N ALA A 75 4.52 11.93 3.60
CA ALA A 75 3.50 11.00 4.10
C ALA A 75 3.94 10.18 5.30
N THR A 76 4.29 10.84 6.39
CA THR A 76 4.56 10.19 7.65
C THR A 76 3.29 9.43 8.10
N PRO A 77 3.45 8.48 9.01
CA PRO A 77 2.27 7.72 9.53
C PRO A 77 1.68 8.49 10.70
N ALA A 78 1.12 9.64 10.35
CA ALA A 78 0.69 10.65 11.31
C ALA A 78 -0.56 11.34 10.76
N MET A 79 -1.31 11.95 11.70
CA MET A 79 -2.63 12.47 11.36
C MET A 79 -2.59 13.52 10.24
N GLU A 80 -1.52 14.33 10.21
CA GLU A 80 -1.36 15.33 9.15
C GLU A 80 -1.42 14.76 7.75
N THR A 81 -0.99 13.51 7.58
CA THR A 81 -1.03 12.91 6.27
C THR A 81 -2.44 12.66 5.80
N GLY A 82 -3.30 12.22 6.73
CA GLY A 82 -4.72 12.09 6.41
C GLY A 82 -5.35 13.42 6.01
N VAL A 83 -5.06 14.46 6.80
CA VAL A 83 -5.58 15.76 6.45
C VAL A 83 -5.07 16.20 5.08
N ALA A 84 -3.77 16.02 4.81
CA ALA A 84 -3.19 16.46 3.55
C ALA A 84 -3.80 15.80 2.35
N VAL A 85 -3.94 14.47 2.40
CA VAL A 85 -4.48 13.77 1.25
C VAL A 85 -5.96 14.08 1.06
N VAL A 86 -6.71 14.18 2.16
CA VAL A 86 -8.11 14.57 2.03
C VAL A 86 -8.20 15.99 1.46
N ALA A 87 -7.31 16.88 1.90
CA ALA A 87 -7.30 18.27 1.31
C ALA A 87 -7.12 18.23 -0.18
N ALA A 88 -6.14 17.47 -0.67
CA ALA A 88 -5.92 17.37 -2.11
C ALA A 88 -7.16 16.85 -2.81
N LEU A 89 -7.79 15.82 -2.28
CA LEU A 89 -8.98 15.24 -2.90
C LEU A 89 -10.14 16.26 -2.89
N LEU A 90 -10.29 17.01 -1.81
CA LEU A 90 -11.36 18.03 -1.77
C LEU A 90 -11.12 19.14 -2.76
N ALA A 91 -9.85 19.44 -3.02
CA ALA A 91 -9.45 20.49 -3.96
C ALA A 91 -9.52 20.01 -5.39
N GLY A 92 -9.59 18.69 -5.59
CA GLY A 92 -9.55 18.10 -6.93
C GLY A 92 -8.16 18.11 -7.55
N VAL A 93 -7.12 18.12 -6.74
CA VAL A 93 -5.71 18.21 -7.15
C VAL A 93 -5.04 16.87 -6.82
N ALA A 94 -4.35 16.29 -7.77
CA ALA A 94 -3.69 15.00 -7.51
C ALA A 94 -2.62 15.12 -6.44
N ALA A 95 -2.59 14.14 -5.53
CA ALA A 95 -1.53 14.06 -4.50
C ALA A 95 -0.50 12.99 -4.85
N VAL A 96 0.76 13.31 -4.55
CA VAL A 96 1.87 12.39 -4.78
C VAL A 96 2.43 12.10 -3.39
N PRO A 97 2.11 10.92 -2.84
CA PRO A 97 2.67 10.61 -1.52
C PRO A 97 4.17 10.33 -1.58
N LEU A 98 4.90 10.88 -0.63
CA LEU A 98 6.34 10.69 -0.51
C LEU A 98 6.60 9.89 0.74
N ASN A 99 7.43 8.86 0.60
CA ASN A 99 7.95 8.16 1.75
C ASN A 99 8.91 9.11 2.50
N PRO A 100 8.65 9.40 3.76
CA PRO A 100 9.53 10.34 4.48
C PRO A 100 10.93 9.78 4.71
N LYS A 101 11.14 8.48 4.50
CA LYS A 101 12.49 7.91 4.59
C LYS A 101 13.11 7.68 3.22
N SER A 102 12.48 8.14 2.14
CA SER A 102 13.13 8.07 0.82
C SER A 102 14.47 8.80 0.85
N GLY A 103 15.41 8.22 0.12
CA GLY A 103 16.74 8.83 0.00
C GLY A 103 16.79 9.82 -1.14
N ASP A 104 17.99 10.33 -1.38
CA ASP A 104 18.14 11.43 -2.29
C ASP A 104 17.85 11.11 -3.76
N LYS A 105 18.33 9.97 -4.22
CA LYS A 105 18.07 9.55 -5.56
C LYS A 105 16.59 9.34 -5.83
N GLU A 106 15.93 8.67 -4.89
CA GLU A 106 14.52 8.35 -5.01
C GLU A 106 13.65 9.60 -4.98
N LEU A 107 13.96 10.53 -4.07
CA LEU A 107 13.17 11.78 -4.05
C LEU A 107 13.41 12.63 -5.28
N ALA A 108 14.67 12.70 -5.72
CA ALA A 108 14.95 13.55 -6.88
C ALA A 108 14.18 13.05 -8.08
N HIS A 109 14.12 11.74 -8.24
CA HIS A 109 13.37 11.18 -9.35
C HIS A 109 11.89 11.48 -9.31
N ILE A 110 11.28 11.29 -8.14
CA ILE A 110 9.87 11.56 -8.03
C ILE A 110 9.58 13.05 -8.21
N LEU A 111 10.42 13.91 -7.61
CA LEU A 111 10.22 15.34 -7.76
C LEU A 111 10.35 15.81 -9.22
N SER A 112 11.34 15.27 -9.93
CA SER A 112 11.53 15.65 -11.32
C SER A 112 10.42 15.07 -12.18
N ASP A 113 10.01 13.83 -11.91
CA ASP A 113 9.00 13.22 -12.75
C ASP A 113 7.62 13.85 -12.56
N SER A 114 7.19 14.01 -11.32
CA SER A 114 5.83 14.49 -11.04
C SER A 114 5.73 16.02 -10.93
N ALA A 115 6.86 16.68 -10.72
CA ALA A 115 6.95 18.15 -10.75
C ALA A 115 5.84 18.80 -9.95
N PRO A 116 5.71 18.38 -8.68
CA PRO A 116 4.68 19.01 -7.84
C PRO A 116 4.93 20.50 -7.63
N SER A 117 3.84 21.25 -7.41
CA SER A 117 3.89 22.69 -7.11
C SER A 117 4.43 23.01 -5.72
N LEU A 118 4.13 22.15 -4.76
CA LEU A 118 4.39 22.40 -3.35
C LEU A 118 4.38 21.04 -2.66
N VAL A 119 4.88 21.05 -1.42
CA VAL A 119 4.82 19.87 -0.55
C VAL A 119 4.02 20.19 0.69
N LEU A 120 3.04 19.35 0.98
CA LEU A 120 2.26 19.44 2.21
C LEU A 120 2.97 18.66 3.28
N ALA A 121 3.33 19.28 4.39
CA ALA A 121 4.12 18.65 5.42
C ALA A 121 3.64 18.96 6.82
N PRO A 122 3.88 18.06 7.77
CA PRO A 122 3.66 18.39 9.19
C PRO A 122 4.57 19.53 9.61
N PRO A 123 4.08 20.37 10.51
CA PRO A 123 4.77 21.62 10.83
C PRO A 123 6.21 21.42 11.32
N ASP A 124 6.44 20.33 12.04
CA ASP A 124 7.76 20.12 12.62
C ASP A 124 8.67 19.20 11.81
N ALA A 125 8.18 18.72 10.66
CA ALA A 125 9.00 17.82 9.84
C ALA A 125 10.30 18.48 9.37
N GLU A 126 11.37 17.71 9.46
CA GLU A 126 12.67 18.06 8.89
C GLU A 126 12.72 17.51 7.45
N LEU A 127 12.58 18.39 6.47
CA LEU A 127 12.62 17.93 5.08
C LEU A 127 14.05 17.89 4.55
N PRO A 128 14.39 16.88 3.75
CA PRO A 128 15.77 16.77 3.26
C PRO A 128 16.06 17.77 2.14
N PRO A 129 17.36 17.89 1.79
CA PRO A 129 17.71 18.89 0.78
C PRO A 129 17.14 18.60 -0.59
N ALA A 130 16.79 17.35 -0.91
CA ALA A 130 16.17 17.10 -2.20
C ALA A 130 14.92 17.97 -2.42
N LEU A 131 14.27 18.40 -1.34
CA LEU A 131 13.03 19.18 -1.43
C LEU A 131 13.30 20.67 -1.19
N GLY A 132 14.55 21.07 -1.22
CA GLY A 132 14.93 22.39 -0.73
C GLY A 132 14.29 23.51 -1.53
N ALA A 133 13.99 23.26 -2.80
CA ALA A 133 13.47 24.30 -3.69
C ALA A 133 11.95 24.27 -3.85
N LEU A 134 11.29 23.35 -3.17
CA LEU A 134 9.85 23.19 -3.30
C LEU A 134 9.16 24.09 -2.27
N GLU A 135 8.08 24.77 -2.65
CA GLU A 135 7.25 25.47 -1.67
C GLU A 135 6.68 24.53 -0.61
N ARG A 136 6.87 24.88 0.65
CA ARG A 136 6.36 24.08 1.77
C ARG A 136 5.09 24.68 2.35
N VAL A 137 4.01 23.90 2.35
CA VAL A 137 2.76 24.26 2.99
C VAL A 137 2.58 23.39 4.23
N ASP A 138 2.58 23.97 5.43
CA ASP A 138 2.38 23.17 6.62
C ASP A 138 0.92 22.84 6.82
N VAL A 139 0.70 21.60 7.19
CA VAL A 139 -0.65 21.11 7.43
C VAL A 139 -0.96 21.27 8.91
N ASP A 140 -1.99 22.07 9.17
CA ASP A 140 -2.43 22.38 10.51
C ASP A 140 -3.72 21.62 10.84
N VAL A 141 -3.60 20.63 11.71
CA VAL A 141 -4.79 19.86 12.05
C VAL A 141 -5.79 20.64 12.90
N ARG A 142 -5.41 21.82 13.37
CA ARG A 142 -6.31 22.67 14.15
C ARG A 142 -6.87 23.79 13.31
N ALA A 143 -6.54 23.87 12.02
CA ALA A 143 -7.11 24.91 11.17
C ALA A 143 -8.57 24.64 10.88
N ARG A 144 -9.32 25.71 10.66
CA ARG A 144 -10.74 25.60 10.35
C ARG A 144 -11.11 26.48 9.16
N GLY A 145 -11.43 25.84 8.03
CA GLY A 145 -11.77 26.57 6.82
C GLY A 145 -12.97 25.97 6.15
N ALA A 146 -13.47 26.62 5.11
CA ALA A 146 -14.61 26.08 4.36
C ALA A 146 -14.18 24.89 3.49
N VAL A 147 -15.11 24.00 3.21
CA VAL A 147 -14.87 22.92 2.27
C VAL A 147 -15.17 23.39 0.86
N PRO A 148 -14.17 23.32 -0.04
CA PRO A 148 -14.38 23.88 -1.38
C PRO A 148 -15.54 23.17 -2.08
N GLU A 149 -16.20 23.87 -3.00
CA GLU A 149 -17.14 23.23 -3.90
C GLU A 149 -16.44 22.11 -4.67
N ASP A 150 -17.11 20.97 -4.81
CA ASP A 150 -16.59 19.85 -5.60
C ASP A 150 -16.86 20.10 -7.08
N GLY A 151 -15.81 20.34 -7.85
CA GLY A 151 -15.93 20.47 -9.31
C GLY A 151 -15.29 19.32 -10.07
N ALA A 152 -14.87 18.28 -9.35
CA ALA A 152 -14.04 17.25 -9.98
C ALA A 152 -14.85 16.33 -10.90
N ASP A 153 -14.16 15.75 -11.88
CA ASP A 153 -14.72 14.68 -12.72
C ASP A 153 -14.15 13.31 -12.36
N ASP A 154 -14.90 12.27 -12.71
CA ASP A 154 -14.60 10.95 -12.22
C ASP A 154 -13.26 10.46 -12.77
N GLY A 155 -12.87 10.94 -13.94
CA GLY A 155 -11.61 10.51 -14.51
C GLY A 155 -10.40 11.33 -14.12
N ASP A 156 -10.61 12.33 -13.25
CA ASP A 156 -9.54 13.22 -12.84
C ASP A 156 -8.55 12.44 -11.99
N PRO A 157 -7.26 12.76 -12.13
CA PRO A 157 -6.26 12.07 -11.28
C PRO A 157 -6.44 12.42 -9.80
N ALA A 158 -6.49 11.38 -8.99
CA ALA A 158 -6.62 11.50 -7.53
C ALA A 158 -5.26 11.40 -6.87
N LEU A 159 -4.50 10.37 -7.23
CA LEU A 159 -3.17 10.13 -6.65
C LEU A 159 -2.23 9.74 -7.74
N VAL A 160 -0.96 10.06 -7.53
CA VAL A 160 0.13 9.44 -8.30
C VAL A 160 0.97 8.68 -7.31
N VAL A 161 0.90 7.34 -7.41
CA VAL A 161 1.58 6.46 -6.43
C VAL A 161 2.75 5.77 -7.10
N TYR A 162 3.96 6.09 -6.66
CA TYR A 162 5.14 5.48 -7.27
C TYR A 162 5.31 4.02 -6.85
N THR A 163 5.49 3.17 -7.86
CA THR A 163 5.54 1.70 -7.69
C THR A 163 6.77 1.20 -8.47
N SER A 164 7.50 0.26 -7.89
CA SER A 164 8.74 -0.24 -8.52
C SER A 164 8.43 -1.17 -9.66
N GLY A 165 9.27 -1.13 -10.68
CA GLY A 165 9.26 -2.19 -11.69
C GLY A 165 10.53 -3.01 -11.61
N THR A 166 10.63 -4.03 -12.45
CA THR A 166 11.77 -4.97 -12.43
C THR A 166 13.07 -4.27 -12.83
N THR A 167 12.96 -3.23 -13.62
CA THR A 167 14.11 -2.45 -14.07
C THR A 167 13.73 -0.99 -14.00
N GLY A 168 14.74 -0.15 -13.83
CA GLY A 168 14.56 1.31 -13.81
C GLY A 168 13.99 1.84 -12.52
N PRO A 169 13.83 3.17 -12.43
CA PRO A 169 13.29 3.79 -11.25
C PRO A 169 11.75 3.62 -11.23
N PRO A 170 11.12 3.89 -10.08
CA PRO A 170 9.70 3.64 -9.92
C PRO A 170 8.86 4.47 -10.91
N LYS A 171 7.76 3.89 -11.35
CA LYS A 171 6.83 4.60 -12.23
C LYS A 171 5.66 5.16 -11.41
N GLY A 172 5.19 6.34 -11.81
CA GLY A 172 4.09 6.99 -11.09
C GLY A 172 2.76 6.47 -11.60
N ALA A 173 2.06 5.64 -10.85
CA ALA A 173 0.76 5.17 -11.29
C ALA A 173 -0.28 6.25 -11.01
N VAL A 174 -0.90 6.74 -12.08
CA VAL A 174 -1.92 7.78 -11.96
C VAL A 174 -3.25 7.09 -11.73
N ILE A 175 -3.81 7.30 -10.55
CA ILE A 175 -5.03 6.63 -10.11
C ILE A 175 -6.20 7.64 -10.15
N PRO A 176 -7.23 7.35 -10.97
CA PRO A 176 -8.34 8.33 -11.05
C PRO A 176 -9.28 8.28 -9.88
N ARG A 177 -10.05 9.36 -9.68
CA ARG A 177 -11.05 9.41 -8.63
C ARG A 177 -12.01 8.24 -8.71
N ARG A 178 -12.47 7.87 -9.90
CA ARG A 178 -13.42 6.79 -10.02
C ARG A 178 -12.92 5.44 -9.52
N ALA A 179 -11.61 5.23 -9.65
CA ALA A 179 -11.03 3.97 -9.16
C ALA A 179 -11.08 3.86 -7.65
N LEU A 180 -10.80 4.97 -6.98
CA LEU A 180 -10.96 4.99 -5.52
C LEU A 180 -12.38 4.66 -5.08
N ALA A 181 -13.34 5.37 -5.66
CA ALA A 181 -14.73 5.17 -5.27
C ALA A 181 -15.14 3.72 -5.55
N THR A 182 -14.82 3.21 -6.73
CA THR A 182 -15.31 1.89 -7.06
C THR A 182 -14.64 0.79 -6.23
N THR A 183 -13.34 0.89 -6.01
CA THR A 183 -12.72 -0.20 -5.28
C THR A 183 -13.19 -0.17 -3.83
N LEU A 184 -13.33 1.03 -3.25
CA LEU A 184 -13.77 1.10 -1.86
C LEU A 184 -15.22 0.59 -1.69
N ASP A 185 -16.08 0.88 -2.66
CA ASP A 185 -17.45 0.39 -2.58
C ASP A 185 -17.56 -1.11 -2.87
N ALA A 186 -16.70 -1.61 -3.73
CA ALA A 186 -16.65 -3.04 -3.96
C ALA A 186 -16.24 -3.79 -2.71
N LEU A 187 -15.21 -3.26 -2.05
CA LEU A 187 -14.77 -3.85 -0.79
C LEU A 187 -15.84 -3.76 0.31
N ALA A 188 -16.57 -2.64 0.34
CA ALA A 188 -17.66 -2.52 1.30
C ALA A 188 -18.67 -3.66 1.20
N ASP A 189 -19.00 -3.99 -0.05
CA ASP A 189 -19.89 -5.13 -0.30
C ASP A 189 -19.24 -6.45 0.09
N ALA A 190 -18.01 -6.69 -0.36
CA ALA A 190 -17.40 -7.97 -0.06
C ALA A 190 -17.16 -8.19 1.42
N TRP A 191 -16.84 -7.12 2.16
CA TRP A 191 -16.39 -7.26 3.53
C TRP A 191 -17.49 -6.88 4.53
N GLN A 192 -18.67 -6.52 4.00
CA GLN A 192 -19.78 -6.02 4.84
C GLN A 192 -19.29 -4.89 5.71
N TRP A 193 -18.52 -4.01 5.08
CA TRP A 193 -17.93 -2.87 5.76
C TRP A 193 -18.93 -1.72 5.79
N THR A 194 -19.15 -1.19 6.98
CA THR A 194 -20.12 -0.10 7.16
C THR A 194 -19.56 1.03 7.98
N GLY A 195 -20.35 2.09 8.14
CA GLY A 195 -19.89 3.22 8.94
C GLY A 195 -19.84 2.94 10.43
N GLU A 196 -20.27 1.77 10.86
CA GLU A 196 -20.10 1.36 12.23
C GLU A 196 -18.76 0.68 12.53
N ASP A 197 -18.06 0.33 11.46
CA ASP A 197 -16.73 -0.26 11.64
C ASP A 197 -15.64 0.74 12.04
N VAL A 198 -14.76 0.27 12.92
CA VAL A 198 -13.59 1.01 13.36
C VAL A 198 -12.37 0.18 12.95
N LEU A 199 -11.57 0.71 12.03
CA LEU A 199 -10.38 0.01 11.57
C LEU A 199 -9.21 0.30 12.49
N VAL A 200 -8.40 -0.71 12.81
CA VAL A 200 -7.04 -0.44 13.31
C VAL A 200 -6.03 -0.90 12.26
N GLN A 201 -4.96 -0.13 12.07
CA GLN A 201 -3.92 -0.49 11.13
C GLN A 201 -2.66 0.24 11.49
N GLY A 202 -1.53 -0.26 11.03
CA GLY A 202 -0.27 0.47 11.18
C GLY A 202 0.54 0.43 9.91
N LEU A 203 -0.08 0.63 8.76
CA LEU A 203 0.59 0.53 7.46
C LEU A 203 1.18 1.87 7.03
N PRO A 204 2.19 1.85 6.15
CA PRO A 204 2.70 3.11 5.57
C PRO A 204 1.62 3.80 4.75
N LEU A 205 1.68 5.12 4.74
CA LEU A 205 0.64 5.92 4.11
C LEU A 205 1.05 6.47 2.75
N PHE A 206 2.10 5.92 2.16
CA PHE A 206 2.50 6.25 0.78
C PHE A 206 2.30 5.11 -0.19
N HIS A 207 1.59 4.07 0.23
CA HIS A 207 1.10 3.04 -0.70
C HIS A 207 -0.40 2.88 -0.55
N VAL A 208 -0.98 2.14 -1.51
CA VAL A 208 -2.43 1.99 -1.60
C VAL A 208 -3.04 1.29 -0.38
N HIS A 209 -2.39 0.25 0.13
CA HIS A 209 -2.98 -0.51 1.24
C HIS A 209 -3.24 0.45 2.41
N GLY A 210 -2.19 1.08 2.92
CA GLY A 210 -2.37 1.93 4.08
C GLY A 210 -3.20 3.17 3.82
N LEU A 211 -2.98 3.80 2.65
CA LEU A 211 -3.58 5.09 2.42
C LEU A 211 -4.99 4.97 1.83
N VAL A 212 -5.14 4.22 0.75
CA VAL A 212 -6.45 4.13 0.10
C VAL A 212 -7.39 3.25 0.90
N LEU A 213 -7.01 2.00 1.16
CA LEU A 213 -7.89 1.15 1.94
C LEU A 213 -7.97 1.61 3.38
N GLY A 214 -6.83 2.06 3.95
CA GLY A 214 -6.75 2.24 5.39
C GLY A 214 -7.11 3.62 5.89
N ILE A 215 -7.11 4.64 5.03
CA ILE A 215 -7.54 5.99 5.45
C ILE A 215 -8.76 6.43 4.65
N LEU A 216 -8.66 6.38 3.32
CA LEU A 216 -9.80 6.79 2.52
C LEU A 216 -10.99 5.88 2.65
N GLY A 217 -10.75 4.59 2.85
CA GLY A 217 -11.86 3.63 2.98
C GLY A 217 -12.78 3.93 4.16
N PRO A 218 -12.24 4.06 5.37
CA PRO A 218 -13.08 4.46 6.50
C PRO A 218 -13.81 5.77 6.27
N LEU A 219 -13.16 6.75 5.65
CA LEU A 219 -13.84 8.02 5.38
C LEU A 219 -14.97 7.94 4.37
N ARG A 220 -14.81 7.13 3.34
CA ARG A 220 -15.87 6.89 2.38
C ARG A 220 -17.04 6.16 3.03
N ARG A 221 -16.79 5.35 4.05
CA ARG A 221 -17.85 4.60 4.69
C ARG A 221 -18.55 5.36 5.78
N GLY A 222 -17.95 6.44 6.25
CA GLY A 222 -18.50 7.12 7.41
C GLY A 222 -18.03 6.55 8.72
N GLY A 223 -17.05 5.64 8.69
CA GLY A 223 -16.50 5.05 9.90
C GLY A 223 -15.22 5.75 10.36
N SER A 224 -14.41 5.05 11.11
CA SER A 224 -13.18 5.67 11.61
C SER A 224 -12.00 4.72 11.45
N VAL A 225 -10.82 5.29 11.64
CA VAL A 225 -9.58 4.53 11.65
C VAL A 225 -8.73 4.99 12.82
N ARG A 226 -8.15 4.02 13.51
CA ARG A 226 -7.13 4.22 14.53
C ARG A 226 -5.80 3.73 13.99
N HIS A 227 -4.93 4.66 13.61
CA HIS A 227 -3.67 4.30 13.02
C HIS A 227 -2.64 4.24 14.14
N LEU A 228 -1.90 3.14 14.20
CA LEU A 228 -0.97 2.85 15.29
C LEU A 228 0.33 3.61 15.18
N GLY A 229 0.56 4.30 14.07
CA GLY A 229 1.87 4.97 13.83
C GLY A 229 2.89 3.96 13.35
N ARG A 230 3.44 3.21 14.29
CA ARG A 230 4.27 2.04 13.98
C ARG A 230 3.47 0.82 14.42
N PHE A 231 3.37 -0.20 13.57
CA PHE A 231 2.66 -1.42 13.95
C PHE A 231 3.31 -2.11 15.14
N SER A 232 2.47 -2.61 16.03
CA SER A 232 2.92 -3.58 17.04
C SER A 232 1.75 -4.49 17.31
N THR A 233 2.06 -5.71 17.73
CA THR A 233 1.00 -6.63 18.14
C THR A 233 0.19 -6.09 19.32
N GLU A 234 0.91 -5.48 20.27
CA GLU A 234 0.27 -4.93 21.47
C GLU A 234 -0.69 -3.79 21.12
N GLY A 235 -0.28 -2.97 20.14
CA GLY A 235 -1.13 -1.86 19.73
C GLY A 235 -2.38 -2.34 19.02
N ALA A 236 -2.23 -3.35 18.18
CA ALA A 236 -3.39 -3.93 17.51
C ALA A 236 -4.35 -4.55 18.52
N ALA A 237 -3.79 -5.30 19.48
CA ALA A 237 -4.61 -5.94 20.52
C ALA A 237 -5.39 -4.91 21.32
N ARG A 238 -4.69 -3.85 21.71
CA ARG A 238 -5.34 -2.81 22.51
C ARG A 238 -6.57 -2.22 21.82
N GLU A 239 -6.44 -1.89 20.54
CA GLU A 239 -7.57 -1.28 19.87
C GLU A 239 -8.69 -2.23 19.62
N LEU A 240 -8.36 -3.47 19.24
CA LEU A 240 -9.40 -4.46 19.00
C LEU A 240 -10.15 -4.86 20.29
N ASN A 241 -9.50 -4.69 21.44
CA ASN A 241 -10.17 -4.94 22.73
C ASN A 241 -10.92 -3.69 23.23
N ASP A 242 -10.84 -2.61 22.46
CA ASP A 242 -11.41 -1.31 22.87
C ASP A 242 -12.15 -0.67 21.71
N GLY A 243 -12.96 -1.44 21.00
CA GLY A 243 -13.89 -0.91 19.99
C GLY A 243 -13.47 -0.97 18.54
N ALA A 244 -12.19 -1.29 18.22
CA ALA A 244 -11.88 -1.52 16.81
C ALA A 244 -12.49 -2.85 16.37
N THR A 245 -13.04 -2.88 15.16
CA THR A 245 -13.77 -4.06 14.67
C THR A 245 -13.03 -4.73 13.52
N MET A 246 -12.07 -4.05 12.90
CA MET A 246 -11.37 -4.60 11.73
C MET A 246 -9.89 -4.35 11.87
N LEU A 247 -9.07 -5.30 11.42
CA LEU A 247 -7.60 -5.14 11.35
C LEU A 247 -7.19 -5.36 9.89
N PHE A 248 -6.39 -4.45 9.31
CA PHE A 248 -5.71 -4.68 8.03
C PHE A 248 -4.23 -4.78 8.28
N GLY A 249 -3.56 -5.73 7.63
CA GLY A 249 -2.13 -5.86 7.74
C GLY A 249 -1.57 -6.60 6.53
N VAL A 250 -0.23 -6.57 6.44
CA VAL A 250 0.49 -7.46 5.52
C VAL A 250 0.87 -8.74 6.24
N PRO A 251 1.24 -9.79 5.49
CA PRO A 251 1.57 -11.04 6.12
C PRO A 251 2.64 -10.97 7.15
N THR A 252 3.64 -10.10 7.03
CA THR A 252 4.64 -9.97 8.09
C THR A 252 4.01 -9.66 9.45
N MET A 253 2.99 -8.79 9.44
CA MET A 253 2.31 -8.41 10.70
C MET A 253 1.56 -9.61 11.24
N TYR A 254 0.88 -10.36 10.38
CA TYR A 254 0.24 -11.60 10.85
C TYR A 254 1.22 -12.68 11.29
N HIS A 255 2.41 -12.72 10.72
CA HIS A 255 3.44 -13.65 11.21
C HIS A 255 3.84 -13.29 12.62
N ARG A 256 4.04 -12.01 12.87
CA ARG A 256 4.48 -11.56 14.19
C ARG A 256 3.34 -11.76 15.20
N ILE A 257 2.09 -11.60 14.75
CA ILE A 257 0.97 -11.97 15.62
C ILE A 257 1.01 -13.45 15.91
N ALA A 258 1.23 -14.30 14.90
CA ALA A 258 1.18 -15.76 15.14
C ALA A 258 2.29 -16.18 16.09
N GLU A 259 3.46 -15.55 16.00
CA GLU A 259 4.58 -15.89 16.89
C GLU A 259 4.25 -15.56 18.35
N THR A 260 3.41 -14.54 18.57
CA THR A 260 3.24 -13.89 19.90
C THR A 260 2.01 -14.46 20.59
N LEU A 261 1.14 -15.11 19.84
CA LEU A 261 -0.14 -15.56 20.37
C LEU A 261 -0.06 -16.48 21.57
N PRO A 262 0.83 -17.49 21.54
CA PRO A 262 0.80 -18.40 22.69
C PRO A 262 0.99 -17.67 24.00
N ALA A 263 1.79 -16.62 23.99
CA ALA A 263 2.17 -15.91 25.21
C ALA A 263 1.24 -14.78 25.55
N ASP A 264 0.31 -14.49 24.65
CA ASP A 264 -0.41 -13.24 24.75
C ASP A 264 -1.93 -13.41 24.77
N PRO A 265 -2.52 -13.73 25.94
CA PRO A 265 -3.97 -13.96 25.97
C PRO A 265 -4.82 -12.79 25.49
N GLU A 266 -4.41 -11.56 25.77
CA GLU A 266 -5.22 -10.45 25.29
C GLU A 266 -5.19 -10.27 23.78
N LEU A 267 -4.10 -10.70 23.15
CA LEU A 267 -4.04 -10.67 21.68
C LEU A 267 -4.99 -11.72 21.09
N ALA A 268 -4.99 -12.90 21.72
CA ALA A 268 -5.90 -13.94 21.26
C ALA A 268 -7.39 -13.55 21.36
N LYS A 269 -7.74 -12.91 22.48
CA LYS A 269 -9.11 -12.42 22.66
C LYS A 269 -9.46 -11.30 21.70
N ALA A 270 -8.49 -10.41 21.48
CA ALA A 270 -8.66 -9.32 20.50
C ALA A 270 -9.02 -9.84 19.12
N LEU A 271 -8.23 -10.83 18.66
CA LEU A 271 -8.49 -11.43 17.35
C LEU A 271 -9.77 -12.22 17.30
N ALA A 272 -10.05 -12.97 18.38
CA ALA A 272 -11.29 -13.74 18.38
C ALA A 272 -12.53 -12.87 18.32
N GLY A 273 -12.43 -11.65 18.87
CA GLY A 273 -13.57 -10.76 18.96
C GLY A 273 -13.75 -9.83 17.76
N ALA A 274 -12.75 -9.80 16.88
CA ALA A 274 -12.80 -8.88 15.74
C ALA A 274 -13.93 -9.24 14.80
N ARG A 275 -14.53 -8.26 14.14
CA ARG A 275 -15.48 -8.58 13.08
C ARG A 275 -14.71 -9.18 11.89
N LEU A 276 -13.62 -8.55 11.46
CA LEU A 276 -12.92 -8.98 10.27
C LEU A 276 -11.42 -8.77 10.44
N LEU A 277 -10.65 -9.77 10.04
CA LEU A 277 -9.21 -9.66 9.95
C LEU A 277 -8.85 -9.83 8.48
N VAL A 278 -8.12 -8.87 7.90
CA VAL A 278 -7.79 -8.90 6.49
C VAL A 278 -6.27 -8.79 6.33
N SER A 279 -5.75 -9.62 5.41
CA SER A 279 -4.36 -9.58 4.98
C SER A 279 -4.29 -9.31 3.49
N GLY A 280 -3.25 -8.57 3.11
CA GLY A 280 -3.03 -8.34 1.70
C GLY A 280 -1.62 -7.85 1.45
N SER A 281 -1.30 -7.59 0.18
CA SER A 281 -0.02 -7.10 -0.36
C SER A 281 0.96 -8.18 -0.74
N ALA A 282 0.73 -9.37 -0.20
CA ALA A 282 1.58 -10.56 -0.38
C ALA A 282 0.79 -11.74 0.16
N ALA A 283 1.21 -12.94 -0.18
CA ALA A 283 0.50 -14.14 0.30
C ALA A 283 0.71 -14.39 1.79
N LEU A 284 -0.38 -14.73 2.47
CA LEU A 284 -0.30 -15.18 3.84
C LEU A 284 0.01 -16.70 3.93
N PRO A 285 1.18 -17.03 4.47
CA PRO A 285 1.50 -18.45 4.45
C PRO A 285 0.54 -19.28 5.28
N VAL A 286 0.33 -20.53 4.88
CA VAL A 286 -0.63 -21.39 5.54
C VAL A 286 -0.23 -21.68 6.98
N HIS A 287 1.06 -21.68 7.28
CA HIS A 287 1.48 -21.94 8.65
C HIS A 287 1.07 -20.80 9.57
N ASP A 288 1.12 -19.57 9.07
CA ASP A 288 0.62 -18.42 9.86
C ASP A 288 -0.90 -18.44 9.97
N HIS A 289 -1.60 -18.69 8.87
CA HIS A 289 -3.07 -18.83 8.89
C HIS A 289 -3.47 -19.80 9.98
N GLU A 290 -2.88 -20.98 9.93
CA GLU A 290 -3.40 -22.05 10.78
C GLU A 290 -3.00 -21.82 12.24
N ARG A 291 -1.84 -21.20 12.53
CA ARG A 291 -1.50 -20.86 13.92
C ARG A 291 -2.46 -19.81 14.46
N ILE A 292 -2.92 -18.89 13.63
CA ILE A 292 -3.91 -17.93 14.11
C ILE A 292 -5.25 -18.61 14.37
N ALA A 293 -5.70 -19.46 13.46
CA ALA A 293 -6.96 -20.21 13.66
C ALA A 293 -6.86 -21.11 14.89
N ALA A 294 -5.74 -21.77 15.10
CA ALA A 294 -5.57 -22.67 16.27
C ALA A 294 -5.76 -21.87 17.56
N ALA A 295 -5.26 -20.63 17.59
CA ALA A 295 -5.22 -19.85 18.82
C ALA A 295 -6.49 -19.07 19.09
N THR A 296 -7.24 -18.75 18.05
CA THR A 296 -8.29 -17.74 18.13
C THR A 296 -9.63 -18.29 17.66
N GLY A 297 -9.61 -19.40 16.93
CA GLY A 297 -10.83 -19.95 16.34
C GLY A 297 -11.40 -19.25 15.12
N ARG A 298 -10.64 -18.32 14.57
CA ARG A 298 -11.14 -17.68 13.36
C ARG A 298 -10.03 -17.39 12.34
N ARG A 299 -10.46 -16.90 11.20
CA ARG A 299 -9.65 -16.94 10.02
C ARG A 299 -9.37 -15.51 9.56
N VAL A 300 -8.34 -15.40 8.75
CA VAL A 300 -7.96 -14.14 8.13
C VAL A 300 -8.32 -14.12 6.65
N ILE A 301 -9.12 -13.16 6.24
CA ILE A 301 -9.52 -12.96 4.84
C ILE A 301 -8.30 -12.45 4.09
N GLU A 302 -8.08 -12.96 2.87
CA GLU A 302 -7.07 -12.38 1.99
C GLU A 302 -7.73 -11.73 0.77
N ARG A 303 -7.18 -10.59 0.36
CA ARG A 303 -7.61 -9.95 -0.85
C ARG A 303 -6.38 -9.65 -1.70
N TYR A 304 -6.58 -9.64 -3.00
CA TYR A 304 -5.49 -9.47 -3.96
C TYR A 304 -5.69 -8.21 -4.77
N GLY A 305 -4.64 -7.40 -4.81
CA GLY A 305 -4.67 -6.16 -5.54
C GLY A 305 -3.28 -5.73 -5.93
N MET A 306 -3.19 -4.62 -6.66
CA MET A 306 -1.94 -4.07 -7.18
C MET A 306 -2.16 -2.57 -7.23
N THR A 307 -1.09 -1.80 -7.24
CA THR A 307 -1.24 -0.36 -7.37
C THR A 307 -2.03 0.03 -8.62
N GLU A 308 -1.72 -0.61 -9.74
CA GLU A 308 -2.33 -0.26 -11.00
C GLU A 308 -3.77 -0.70 -11.14
N THR A 309 -4.21 -1.64 -10.34
CA THR A 309 -5.58 -2.17 -10.42
C THR A 309 -6.44 -1.95 -9.18
N LEU A 310 -5.85 -1.34 -8.17
CA LEU A 310 -6.43 -1.38 -6.85
C LEU A 310 -6.85 -2.83 -6.60
N MET A 311 -7.96 -3.08 -5.93
CA MET A 311 -8.31 -4.43 -5.53
C MET A 311 -9.05 -5.20 -6.62
N ASN A 312 -8.64 -6.47 -6.79
CA ASN A 312 -9.25 -7.33 -7.81
C ASN A 312 -10.16 -8.43 -7.26
N THR A 313 -9.70 -9.13 -6.24
CA THR A 313 -10.44 -10.25 -5.66
C THR A 313 -10.36 -10.19 -4.16
N SER A 314 -11.30 -10.85 -3.53
CA SER A 314 -11.24 -11.10 -2.11
C SER A 314 -12.05 -12.31 -1.74
N VAL A 315 -11.62 -13.01 -0.70
CA VAL A 315 -12.58 -13.82 0.10
C VAL A 315 -13.61 -12.86 0.70
N ARG A 316 -14.89 -13.22 0.64
CA ARG A 316 -15.95 -12.40 1.21
C ARG A 316 -16.14 -12.70 2.70
N ALA A 317 -16.62 -11.69 3.43
CA ALA A 317 -17.04 -11.88 4.82
C ALA A 317 -18.09 -12.95 4.94
N ASP A 318 -18.94 -13.11 3.93
CA ASP A 318 -19.99 -14.14 3.96
C ASP A 318 -19.61 -15.41 3.22
N GLY A 319 -18.32 -15.58 2.92
CA GLY A 319 -17.83 -16.71 2.10
C GLY A 319 -17.17 -17.73 3.00
N GLU A 320 -16.72 -18.83 2.41
CA GLU A 320 -15.98 -19.83 3.14
C GLU A 320 -14.52 -19.38 3.25
N PRO A 321 -13.93 -19.45 4.43
CA PRO A 321 -12.51 -19.10 4.58
C PRO A 321 -11.63 -20.22 4.04
N ARG A 322 -10.72 -19.93 3.11
CA ARG A 322 -9.93 -21.00 2.52
C ARG A 322 -8.49 -20.51 2.49
N ALA A 323 -7.64 -21.07 3.34
CA ALA A 323 -6.21 -20.72 3.34
C ALA A 323 -5.55 -20.77 1.96
N GLY A 324 -4.66 -19.84 1.69
CA GLY A 324 -3.92 -19.82 0.45
C GLY A 324 -4.72 -19.38 -0.77
N THR A 325 -5.91 -18.84 -0.54
CA THR A 325 -6.69 -18.34 -1.65
C THR A 325 -6.86 -16.84 -1.52
N VAL A 326 -7.20 -16.20 -2.63
CA VAL A 326 -7.62 -14.80 -2.60
C VAL A 326 -9.08 -14.59 -3.05
N GLY A 327 -9.86 -15.65 -2.98
CA GLY A 327 -11.32 -15.54 -3.15
C GLY A 327 -11.76 -15.24 -4.55
N VAL A 328 -12.83 -14.47 -4.69
CA VAL A 328 -13.50 -14.31 -5.99
C VAL A 328 -13.40 -12.85 -6.44
N PRO A 329 -13.54 -12.57 -7.74
CA PRO A 329 -13.54 -11.20 -8.23
C PRO A 329 -14.52 -10.30 -7.47
N LEU A 330 -14.03 -9.11 -7.13
CA LEU A 330 -14.89 -8.11 -6.52
C LEU A 330 -15.96 -7.62 -7.48
N PRO A 331 -17.07 -7.14 -6.90
CA PRO A 331 -18.10 -6.58 -7.79
C PRO A 331 -17.51 -5.58 -8.78
N GLY A 332 -17.86 -5.72 -10.05
CA GLY A 332 -17.41 -4.78 -11.06
C GLY A 332 -16.03 -5.03 -11.66
N VAL A 333 -15.33 -6.04 -11.15
CA VAL A 333 -14.05 -6.41 -11.72
C VAL A 333 -14.24 -7.57 -12.70
N GLU A 334 -13.80 -7.34 -13.92
CA GLU A 334 -13.75 -8.43 -14.90
C GLU A 334 -12.40 -9.09 -14.83
N LEU A 335 -12.40 -10.39 -14.57
CA LEU A 335 -11.17 -11.17 -14.41
C LEU A 335 -11.20 -12.37 -15.33
N ARG A 336 -10.05 -12.64 -15.94
CA ARG A 336 -9.86 -13.84 -16.74
C ARG A 336 -8.49 -14.42 -16.51
N LEU A 337 -8.32 -15.70 -16.82
CA LEU A 337 -7.01 -16.34 -16.74
C LEU A 337 -6.65 -16.74 -18.16
N VAL A 338 -5.39 -16.53 -18.55
CA VAL A 338 -4.94 -16.90 -19.92
C VAL A 338 -3.64 -17.70 -20.00
N PRO A 344 -7.74 -18.12 -23.17
CA PRO A 344 -8.40 -18.06 -21.88
C PRO A 344 -8.62 -19.46 -21.32
N ILE A 345 -8.42 -19.58 -20.01
CA ILE A 345 -8.68 -20.81 -19.28
C ILE A 345 -10.06 -20.76 -18.67
N ALA A 346 -10.92 -21.71 -19.04
CA ALA A 346 -12.30 -21.64 -18.57
C ALA A 346 -12.65 -22.68 -17.52
N ALA A 347 -11.84 -23.73 -17.38
CA ALA A 347 -12.15 -24.77 -16.40
C ALA A 347 -11.81 -24.28 -15.00
N LEU A 348 -12.75 -24.53 -14.10
CA LEU A 348 -12.59 -24.22 -12.67
C LEU A 348 -12.04 -25.49 -12.00
N ASP A 349 -10.82 -25.87 -12.37
CA ASP A 349 -10.28 -27.21 -12.08
C ASP A 349 -9.20 -27.29 -10.98
N GLY A 350 -8.80 -26.16 -10.40
CA GLY A 350 -7.75 -26.12 -9.38
C GLY A 350 -6.35 -26.47 -9.88
N GLU A 351 -6.19 -26.55 -11.18
CA GLU A 351 -4.97 -27.09 -11.77
C GLU A 351 -4.39 -26.38 -13.01
N SER A 352 -5.25 -25.91 -13.90
CA SER A 352 -4.80 -25.14 -15.07
C SER A 352 -4.24 -23.75 -14.70
N VAL A 353 -2.92 -23.57 -14.86
CA VAL A 353 -2.21 -22.34 -14.46
C VAL A 353 -2.25 -21.30 -15.58
N GLY A 354 -2.64 -20.08 -15.23
CA GLY A 354 -2.79 -19.03 -16.21
C GLY A 354 -2.57 -17.66 -15.62
N GLU A 355 -2.30 -16.70 -16.51
CA GLU A 355 -2.05 -15.33 -16.11
C GLU A 355 -3.37 -14.62 -15.81
N ILE A 356 -3.45 -14.04 -14.62
CA ILE A 356 -4.58 -13.15 -14.34
C ILE A 356 -4.55 -11.85 -15.16
N GLN A 357 -5.68 -11.51 -15.75
CA GLN A 357 -5.86 -10.23 -16.41
C GLN A 357 -7.19 -9.65 -15.96
N VAL A 358 -7.19 -8.34 -15.71
CA VAL A 358 -8.37 -7.65 -15.16
C VAL A 358 -8.73 -6.40 -15.94
N ARG A 359 -10.03 -6.12 -15.93
CA ARG A 359 -10.56 -4.88 -16.48
C ARG A 359 -11.67 -4.38 -15.56
N GLY A 360 -11.82 -3.07 -15.52
CA GLY A 360 -12.86 -2.46 -14.70
C GLY A 360 -12.53 -1.02 -14.31
N PRO A 361 -13.46 -0.39 -13.59
CA PRO A 361 -13.26 1.01 -13.22
C PRO A 361 -12.28 1.20 -12.06
N ASN A 362 -11.80 0.09 -11.51
CA ASN A 362 -10.68 0.08 -10.55
C ASN A 362 -9.30 0.35 -11.16
N LEU A 363 -9.18 0.32 -12.48
CA LEU A 363 -7.86 0.43 -13.13
C LEU A 363 -7.30 1.84 -13.11
N PHE A 364 -5.98 1.94 -13.03
CA PHE A 364 -5.27 3.20 -13.15
C PHE A 364 -5.46 3.79 -14.54
N THR A 365 -5.10 5.06 -14.66
CA THR A 365 -5.18 5.78 -15.95
C THR A 365 -3.95 5.49 -16.80
N GLU A 366 -2.77 5.62 -16.20
CA GLU A 366 -1.51 5.52 -16.95
C GLU A 366 -0.33 5.49 -16.00
N TYR A 367 0.86 5.14 -16.49
CA TYR A 367 2.08 5.55 -15.81
C TYR A 367 2.46 6.95 -16.25
N LEU A 368 2.70 7.84 -15.30
CA LEU A 368 2.99 9.25 -15.60
C LEU A 368 4.24 9.37 -16.49
N ASN A 369 4.07 10.07 -17.61
CA ASN A 369 5.20 10.31 -18.53
C ASN A 369 5.75 9.07 -19.20
N ARG A 370 5.00 7.97 -19.14
CA ARG A 370 5.45 6.72 -19.72
C ARG A 370 4.36 6.08 -20.58
N PRO A 371 4.13 6.63 -21.78
CA PRO A 371 3.06 6.12 -22.62
C PRO A 371 3.36 4.78 -23.25
N ASP A 372 4.64 4.45 -23.47
CA ASP A 372 4.96 3.13 -24.02
C ASP A 372 4.80 2.04 -22.96
N ALA A 373 5.21 2.33 -21.73
CA ALA A 373 5.07 1.35 -20.65
C ALA A 373 3.60 1.17 -20.31
N THR A 374 2.82 2.25 -20.42
CA THR A 374 1.40 2.16 -20.19
C THR A 374 0.75 1.26 -21.24
N ALA A 375 1.08 1.46 -22.51
CA ALA A 375 0.49 0.63 -23.57
C ALA A 375 0.88 -0.86 -23.43
N ALA A 376 2.11 -1.11 -23.00
CA ALA A 376 2.58 -2.50 -22.84
C ALA A 376 1.86 -3.26 -21.73
N ALA A 377 1.34 -2.52 -20.76
CA ALA A 377 0.63 -3.17 -19.64
C ALA A 377 -0.77 -3.71 -19.97
N PHE A 378 -1.26 -3.35 -21.15
CA PHE A 378 -2.64 -3.61 -21.51
C PHE A 378 -2.70 -4.54 -22.72
N THR A 379 -3.68 -5.43 -22.71
CA THR A 379 -4.01 -6.22 -23.90
C THR A 379 -4.73 -5.30 -24.89
N GLU A 380 -4.95 -5.80 -26.11
CA GLU A 380 -5.62 -5.01 -27.13
C GLU A 380 -7.02 -4.62 -26.71
N ASP A 381 -7.70 -5.50 -25.97
CA ASP A 381 -9.07 -5.25 -25.53
C ASP A 381 -9.20 -4.67 -24.11
N GLY A 382 -8.09 -4.17 -23.58
CA GLY A 382 -8.11 -3.26 -22.44
C GLY A 382 -8.00 -3.95 -21.08
N PHE A 383 -7.55 -5.20 -21.06
CA PHE A 383 -7.20 -5.86 -19.80
C PHE A 383 -5.78 -5.56 -19.38
N PHE A 384 -5.64 -5.38 -18.08
CA PHE A 384 -4.33 -5.18 -17.51
C PHE A 384 -3.68 -6.53 -17.29
N ARG A 385 -2.42 -6.62 -17.70
CA ARG A 385 -1.62 -7.83 -17.52
C ARG A 385 -0.93 -7.85 -16.16
N THR A 386 -1.41 -8.70 -15.26
CA THR A 386 -0.90 -8.60 -13.91
C THR A 386 0.47 -9.24 -13.75
N GLY A 387 0.77 -10.21 -14.63
CA GLY A 387 1.96 -11.03 -14.48
C GLY A 387 1.80 -12.18 -13.48
N ASP A 388 0.75 -12.12 -12.66
CA ASP A 388 0.52 -13.08 -11.57
C ASP A 388 -0.08 -14.34 -12.11
N MET A 389 0.42 -15.47 -11.61
CA MET A 389 -0.05 -16.75 -12.12
C MET A 389 -0.98 -17.42 -11.10
N ALA A 390 -2.02 -18.05 -11.59
CA ALA A 390 -3.10 -18.54 -10.72
C ALA A 390 -3.79 -19.75 -11.26
N VAL A 391 -4.49 -20.45 -10.37
CA VAL A 391 -5.56 -21.37 -10.78
C VAL A 391 -6.87 -20.88 -10.19
N ARG A 392 -8.01 -21.39 -10.70
CA ARG A 392 -9.27 -21.29 -9.94
C ARG A 392 -9.84 -22.65 -9.55
N ASP A 393 -10.37 -22.73 -8.35
CA ASP A 393 -10.97 -23.96 -7.86
C ASP A 393 -12.46 -24.06 -8.31
N PRO A 394 -13.09 -25.21 -8.05
CA PRO A 394 -14.44 -25.42 -8.53
C PRO A 394 -15.47 -24.42 -7.97
N ASP A 395 -15.17 -23.77 -6.83
CA ASP A 395 -16.00 -22.73 -6.20
C ASP A 395 -15.78 -21.34 -6.79
N GLY A 396 -14.92 -21.22 -7.79
CA GLY A 396 -14.58 -19.92 -8.36
C GLY A 396 -13.41 -19.24 -7.65
N TYR A 397 -12.95 -19.81 -6.54
CA TYR A 397 -11.88 -19.14 -5.79
C TYR A 397 -10.57 -19.16 -6.56
N VAL A 398 -9.86 -18.03 -6.54
CA VAL A 398 -8.55 -17.87 -7.18
C VAL A 398 -7.43 -18.20 -6.19
N ARG A 399 -6.47 -19.06 -6.61
CA ARG A 399 -5.23 -19.29 -5.86
C ARG A 399 -4.04 -18.81 -6.69
N ILE A 400 -3.29 -17.85 -6.18
CA ILE A 400 -2.07 -17.36 -6.83
C ILE A 400 -0.93 -18.36 -6.55
N VAL A 401 -0.31 -18.83 -7.63
CA VAL A 401 0.63 -19.94 -7.54
C VAL A 401 1.97 -19.63 -8.20
N GLY A 402 2.17 -18.40 -8.65
CA GLY A 402 3.45 -18.07 -9.25
C GLY A 402 3.38 -16.82 -10.09
N ARG A 403 4.03 -16.90 -11.27
CA ARG A 403 4.28 -15.78 -12.22
C ARG A 403 4.49 -16.25 -13.67
N LYS A 404 4.10 -15.41 -14.63
CA LYS A 404 4.14 -15.77 -16.07
C LYS A 404 5.55 -15.96 -16.61
N ALA A 405 6.42 -14.98 -16.36
CA ALA A 405 7.78 -14.95 -16.94
C ALA A 405 8.85 -14.44 -15.98
N THR A 406 8.49 -13.65 -14.97
CA THR A 406 9.49 -12.83 -14.30
C THR A 406 9.03 -12.71 -12.87
N ASP A 407 9.78 -13.32 -11.96
CA ASP A 407 9.44 -13.21 -10.54
C ASP A 407 9.57 -11.73 -10.22
N LEU A 408 8.76 -11.28 -9.25
CA LEU A 408 9.03 -10.06 -8.49
C LEU A 408 9.50 -10.35 -7.02
N ILE A 409 9.97 -9.31 -6.32
CA ILE A 409 10.43 -9.40 -4.92
C ILE A 409 9.49 -8.66 -4.01
N LYS A 410 8.91 -9.40 -3.08
CA LYS A 410 8.02 -8.81 -2.09
C LYS A 410 8.61 -9.01 -0.72
N SER A 411 9.01 -7.91 -0.08
CA SER A 411 9.64 -7.97 1.21
C SER A 411 8.84 -7.11 2.17
N GLY A 412 8.28 -7.74 3.20
CA GLY A 412 7.39 -7.02 4.10
C GLY A 412 6.12 -6.54 3.43
N GLY A 413 5.77 -7.10 2.26
CA GLY A 413 4.65 -6.60 1.49
C GLY A 413 4.95 -5.36 0.66
N TYR A 414 6.21 -4.91 0.67
CA TYR A 414 6.67 -3.91 -0.32
C TYR A 414 7.10 -4.62 -1.58
N LYS A 415 6.68 -4.12 -2.75
CA LYS A 415 7.21 -4.59 -4.01
C LYS A 415 8.54 -3.90 -4.29
N ILE A 416 9.57 -4.69 -4.49
CA ILE A 416 10.89 -4.11 -4.67
C ILE A 416 11.42 -4.47 -6.05
N GLY A 417 12.02 -3.50 -6.73
CA GLY A 417 12.57 -3.72 -8.06
C GLY A 417 14.06 -4.04 -7.95
N ALA A 418 14.43 -5.18 -8.51
CA ALA A 418 15.85 -5.55 -8.49
C ALA A 418 16.73 -4.56 -9.23
N GLY A 419 16.29 -4.13 -10.41
CA GLY A 419 17.19 -3.29 -11.22
C GLY A 419 17.57 -2.01 -10.54
N GLU A 420 16.66 -1.36 -9.82
CA GLU A 420 17.06 -0.11 -9.22
C GLU A 420 17.95 -0.27 -8.01
N ILE A 421 17.82 -1.42 -7.33
CA ILE A 421 18.78 -1.70 -6.25
C ILE A 421 20.19 -1.97 -6.84
N GLU A 422 20.22 -2.69 -7.96
CA GLU A 422 21.50 -2.92 -8.65
C GLU A 422 22.10 -1.58 -9.04
N ASN A 423 21.28 -0.70 -9.60
CA ASN A 423 21.84 0.55 -10.09
C ASN A 423 22.39 1.39 -8.96
N ALA A 424 21.75 1.35 -7.79
CA ALA A 424 22.31 2.03 -6.64
C ALA A 424 23.58 1.36 -6.13
N LEU A 425 23.62 0.03 -6.06
CA LEU A 425 24.83 -0.64 -5.61
C LEU A 425 26.05 -0.35 -6.51
N LEU A 426 25.78 -0.22 -7.81
CA LEU A 426 26.84 0.09 -8.77
C LEU A 426 27.49 1.42 -8.55
N GLU A 427 26.84 2.32 -7.85
CA GLU A 427 27.45 3.62 -7.54
C GLU A 427 28.55 3.47 -6.49
N HIS A 428 28.53 2.38 -5.72
CA HIS A 428 29.45 2.27 -4.61
C HIS A 428 30.87 1.97 -5.14
N PRO A 429 31.90 2.65 -4.60
CA PRO A 429 33.24 2.45 -5.17
C PRO A 429 33.84 1.07 -4.95
N GLU A 430 33.25 0.29 -4.02
CA GLU A 430 33.77 -1.05 -3.80
C GLU A 430 33.04 -2.13 -4.58
N VAL A 431 32.14 -1.71 -5.46
CA VAL A 431 31.33 -2.63 -6.26
C VAL A 431 31.72 -2.51 -7.73
N ARG A 432 32.14 -3.62 -8.32
CA ARG A 432 32.37 -3.65 -9.76
C ARG A 432 31.09 -3.91 -10.53
N GLU A 433 30.34 -4.94 -10.09
CA GLU A 433 29.08 -5.32 -10.75
C GLU A 433 28.17 -5.82 -9.67
N ALA A 434 26.88 -5.80 -9.95
CA ALA A 434 25.87 -6.19 -8.94
C ALA A 434 24.70 -6.88 -9.59
N ALA A 435 24.18 -7.89 -8.89
CA ALA A 435 22.89 -8.49 -9.20
C ALA A 435 22.10 -8.58 -7.91
N VAL A 436 20.79 -8.42 -8.03
CA VAL A 436 19.91 -8.46 -6.86
C VAL A 436 18.83 -9.51 -7.10
N THR A 437 18.59 -10.31 -6.05
CA THR A 437 17.50 -11.28 -6.08
C THR A 437 16.77 -11.24 -4.75
N GLY A 438 15.65 -11.97 -4.68
CA GLY A 438 14.99 -12.26 -3.42
C GLY A 438 15.22 -13.69 -3.01
N GLU A 439 15.25 -13.93 -1.71
CA GLU A 439 15.26 -15.31 -1.20
C GLU A 439 14.27 -15.42 -0.04
N PRO A 440 13.73 -16.62 0.20
CA PRO A 440 12.69 -16.72 1.21
C PRO A 440 13.11 -16.33 2.60
N ASP A 441 12.16 -15.75 3.34
CA ASP A 441 12.39 -15.25 4.67
C ASP A 441 11.08 -15.47 5.45
N PRO A 442 11.13 -16.14 6.61
CA PRO A 442 9.86 -16.48 7.26
C PRO A 442 9.09 -15.27 7.76
N ASP A 443 9.79 -14.18 8.03
CA ASP A 443 9.15 -12.97 8.57
C ASP A 443 8.79 -11.99 7.44
N LEU A 444 9.71 -11.75 6.51
CA LEU A 444 9.49 -10.78 5.44
C LEU A 444 8.87 -11.33 4.18
N GLY A 445 8.77 -12.67 4.06
CA GLY A 445 8.32 -13.29 2.83
C GLY A 445 9.50 -13.52 1.91
N GLU A 446 10.13 -12.42 1.48
CA GLU A 446 11.44 -12.50 0.83
C GLU A 446 12.34 -11.47 1.45
N ARG A 447 13.64 -11.73 1.45
CA ARG A 447 14.64 -10.73 1.80
C ARG A 447 15.54 -10.45 0.60
N ILE A 448 15.97 -9.20 0.48
CA ILE A 448 16.80 -8.77 -0.66
C ILE A 448 18.26 -9.23 -0.51
N VAL A 449 18.74 -9.90 -1.55
CA VAL A 449 20.13 -10.37 -1.61
C VAL A 449 20.89 -9.54 -2.65
N ALA A 450 22.02 -8.99 -2.17
CA ALA A 450 22.99 -8.35 -3.08
C ALA A 450 24.10 -9.32 -3.46
N TRP A 451 24.26 -9.56 -4.74
CA TRP A 451 25.34 -10.39 -5.27
C TRP A 451 26.36 -9.42 -5.90
N ILE A 452 27.55 -9.43 -5.33
CA ILE A 452 28.54 -8.37 -5.64
C ILE A 452 29.81 -8.99 -6.25
N VAL A 453 30.28 -8.44 -7.36
CA VAL A 453 31.69 -8.61 -7.76
C VAL A 453 32.44 -7.45 -7.15
N PRO A 454 33.29 -7.72 -6.15
CA PRO A 454 33.92 -6.61 -5.44
C PRO A 454 35.00 -5.93 -6.30
N ALA A 455 35.26 -4.66 -6.02
CA ALA A 455 36.46 -3.98 -6.55
C ALA A 455 37.72 -4.75 -6.20
N ASP A 456 37.83 -5.16 -4.95
CA ASP A 456 38.98 -5.92 -4.45
C ASP A 456 38.51 -7.21 -3.80
N PRO A 457 38.76 -8.36 -4.45
CA PRO A 457 38.20 -9.59 -3.90
C PRO A 457 38.78 -9.96 -2.52
N ALA A 458 39.94 -9.38 -2.20
CA ALA A 458 40.56 -9.64 -0.91
C ALA A 458 40.03 -8.69 0.16
N ALA A 459 39.36 -7.62 -0.25
CA ALA A 459 38.69 -6.73 0.71
C ALA A 459 37.30 -6.33 0.24
N PRO A 460 36.37 -7.29 0.23
CA PRO A 460 35.04 -6.99 -0.31
C PRO A 460 34.26 -6.08 0.64
N PRO A 461 33.32 -5.29 0.08
CA PRO A 461 32.50 -4.41 0.91
C PRO A 461 31.51 -5.20 1.76
N ALA A 462 31.46 -4.84 3.04
CA ALA A 462 30.59 -5.50 4.01
C ALA A 462 29.14 -5.17 3.77
N LEU A 463 28.27 -6.04 4.28
CA LEU A 463 26.84 -5.80 4.15
C LEU A 463 26.47 -4.40 4.64
N GLY A 464 26.94 -3.98 5.80
CA GLY A 464 26.48 -2.71 6.39
C GLY A 464 26.75 -1.50 5.48
N THR A 465 27.93 -1.44 4.91
CA THR A 465 28.24 -0.39 3.98
C THR A 465 27.30 -0.36 2.78
N LEU A 466 27.00 -1.52 2.22
CA LEU A 466 26.13 -1.58 1.05
C LEU A 466 24.69 -1.28 1.38
N ALA A 467 24.24 -1.80 2.51
CA ALA A 467 22.86 -1.58 2.98
C ALA A 467 22.64 -0.12 3.31
N ASP A 468 23.60 0.49 3.99
CA ASP A 468 23.47 1.90 4.32
C ASP A 468 23.42 2.74 3.05
N HIS A 469 24.27 2.38 2.09
CA HIS A 469 24.27 3.12 0.84
C HIS A 469 22.91 3.03 0.12
N VAL A 470 22.36 1.84 -0.02
CA VAL A 470 21.06 1.70 -0.69
C VAL A 470 19.96 2.41 0.12
N ALA A 471 20.00 2.30 1.45
CA ALA A 471 19.01 3.02 2.27
C ALA A 471 19.10 4.56 2.06
N ALA A 472 20.31 5.09 1.91
CA ALA A 472 20.50 6.53 1.78
C ALA A 472 20.14 7.02 0.39
N ARG A 473 20.26 6.18 -0.63
CA ARG A 473 19.89 6.56 -1.96
C ARG A 473 18.43 6.35 -2.29
N LEU A 474 17.94 5.18 -1.88
CA LEU A 474 16.62 4.70 -2.24
C LEU A 474 15.64 4.76 -1.08
N ALA A 475 15.63 3.76 -0.22
CA ALA A 475 14.85 3.81 1.01
C ALA A 475 15.30 2.66 1.88
N PRO A 476 15.10 2.78 3.19
CA PRO A 476 15.55 1.69 4.06
C PRO A 476 14.92 0.33 3.73
N HIS A 477 13.65 0.29 3.34
CA HIS A 477 12.98 -0.98 3.11
C HIS A 477 13.53 -1.72 1.91
N LYS A 478 14.31 -0.99 1.09
CA LYS A 478 14.88 -1.54 -0.16
C LYS A 478 16.30 -2.04 0.07
N ARG A 479 16.82 -1.92 1.28
CA ARG A 479 18.24 -2.27 1.52
C ARG A 479 18.45 -3.80 1.38
N PRO A 480 19.62 -4.20 0.90
CA PRO A 480 19.93 -5.61 1.00
C PRO A 480 20.04 -6.07 2.44
N ARG A 481 19.59 -7.30 2.67
CA ARG A 481 19.70 -7.92 3.98
C ARG A 481 20.74 -9.04 4.00
N VAL A 482 21.28 -9.37 2.82
CA VAL A 482 22.32 -10.42 2.67
C VAL A 482 23.24 -9.93 1.56
N VAL A 483 24.55 -10.19 1.72
CA VAL A 483 25.50 -9.99 0.63
C VAL A 483 26.25 -11.28 0.32
N ARG A 484 26.43 -11.53 -0.97
CA ARG A 484 27.19 -12.69 -1.45
C ARG A 484 28.17 -12.16 -2.45
N TYR A 485 29.38 -12.72 -2.47
CA TYR A 485 30.40 -12.31 -3.43
C TYR A 485 30.55 -13.33 -4.55
N LEU A 486 30.71 -12.87 -5.77
CA LEU A 486 31.02 -13.76 -6.88
C LEU A 486 32.07 -13.18 -7.83
N ASP A 487 32.58 -14.01 -8.72
CA ASP A 487 33.41 -13.54 -9.83
C ASP A 487 32.62 -12.86 -10.94
N ALA A 488 31.36 -13.25 -11.14
CA ALA A 488 30.56 -12.75 -12.24
C ALA A 488 29.07 -12.77 -11.95
N VAL A 489 28.36 -11.77 -12.48
CA VAL A 489 26.90 -11.67 -12.36
C VAL A 489 26.30 -11.32 -13.73
N PRO A 490 24.97 -11.47 -13.88
CA PRO A 490 24.35 -11.21 -15.19
C PRO A 490 24.62 -9.79 -15.69
N ARG A 491 24.79 -9.66 -17.00
CA ARG A 491 24.85 -8.36 -17.67
C ARG A 491 23.64 -8.11 -18.57
O6 MCA B . 11.60 -4.56 7.66
P2 MCA B . 10.83 -4.18 9.01
O21 MCA B . 11.45 -2.93 9.58
O22 MCA B . 10.72 -5.43 9.86
O7 MCA B . 9.35 -3.81 8.48
CPB MCA B . 8.28 -4.75 8.59
CPA MCA B . 6.98 -4.08 8.18
CP7 MCA B . 7.19 -3.29 6.89
CP9 MCA B . 5.90 -5.14 7.96
CP8 MCA B . 6.52 -3.12 9.28
OP3 MCA B . 7.68 -4.16 5.88
CP6 MCA B . 5.88 -2.69 6.45
OP2 MCA B . 5.43 -1.72 7.00
NP2 MCA B . 5.28 -3.30 5.43
CP5 MCA B . 4.14 -2.69 4.76
CP4 MCA B . 4.35 -2.59 3.26
CP3 MCA B . 3.08 -2.14 2.59
OP1 MCA B . 2.35 -1.33 3.15
NP1 MCA B . 2.80 -2.66 1.40
CP2 MCA B . 1.86 -2.02 0.49
CP1 MCA B . 2.33 -2.11 -0.95
S MCA B . 1.38 -3.32 -1.80
CS1 MCA B . -0.07 -2.65 -2.28
OS1 MCA B . -0.33 -1.48 -2.01
CS2 MCA B . -1.07 -3.48 -3.04
CS3 MCA B . -1.96 -2.57 -3.89
CS4 MCA B . -1.93 -4.28 -2.10
OS4 MCA B . -1.91 -3.99 -0.89
OS5 MCA B . -2.64 -5.19 -2.57
P AMP C . 2.19 -3.66 -5.62
O1P AMP C . 3.00 -3.28 -4.39
O2P AMP C . 1.10 -2.75 -5.95
O3P AMP C . 3.04 -3.87 -6.86
O5' AMP C . 1.68 -5.14 -5.16
C5' AMP C . 0.83 -5.87 -6.07
C4' AMP C . 1.31 -7.32 -6.08
O4' AMP C . 1.21 -7.85 -4.75
C3' AMP C . 0.47 -8.27 -6.90
O3' AMP C . 0.87 -8.22 -8.28
C2' AMP C . 0.74 -9.63 -6.26
O2' AMP C . 1.97 -10.23 -6.74
C1' AMP C . 0.94 -9.26 -4.81
N9 AMP C . -0.25 -9.48 -3.95
C8 AMP C . -1.10 -8.56 -3.48
N7 AMP C . -1.99 -9.13 -2.62
C5 AMP C . -1.73 -10.46 -2.61
C6 AMP C . -2.24 -11.63 -1.91
N6 AMP C . -3.25 -11.51 -1.02
N1 AMP C . -1.65 -12.83 -2.22
C2 AMP C . -0.62 -12.94 -3.06
N3 AMP C . -0.04 -11.90 -3.69
C4 AMP C . -0.58 -10.66 -3.50
CL CL D . -0.02 11.61 14.70
CL CL E . 11.51 2.88 3.88
MG MG F . 17.23 -7.81 -13.79
#